data_2PV9
#
_entry.id   2PV9
#
_cell.length_a   111.153
_cell.length_b   111.153
_cell.length_c   179.707
_cell.angle_alpha   90.00
_cell.angle_beta   90.00
_cell.angle_gamma   120.00
#
_symmetry.space_group_name_H-M   'P 65 2 2'
#
loop_
_entity.id
_entity.type
_entity.pdbx_description
1 polymer 'Thrombin light chain'
2 polymer 'Thrombin heavy chain'
3 polymer 'Proteinase-activated receptor 4'
4 non-polymer 2-acetamido-2-deoxy-beta-D-glucopyranose
#
loop_
_entity_poly.entity_id
_entity_poly.type
_entity_poly.pdbx_seq_one_letter_code
_entity_poly.pdbx_strand_id
1 'polypeptide(L)' FHTFFNEKTFGLGEADCGLRPLFEKKSLKDTTEKELLDSYIDGR A
2 'polypeptide(L)'
;IVEGWDAEKGIAPWQVMLFRKSPQELLCGASLISDRWVLTAAHCILYPPWDKNFTENDLLVRIGKHSRTRYERNVEKISM
LEKIYVHPRYNWRENLDRDIALLKLKKPVPFSDYIHPVCLPDKQTVTSLLRAGYKGRVTGWGNLRETWTTNINEIQPSVL
QVVNLPIVERPVCKASTRIRITDNMFCAGFKVNDTKRGDACEGDAGGPFVMKSPFNNRWYQMGIVSWGEGCDRKGKYGFY
THVFRLKRWIQKVIDQFG
;
B
3 'polypeptide(L)' KSSDKPNPRGYPGKFCANDSDTLELP C
#
# COMPACT_ATOMS: atom_id res chain seq x y z
N PHE A 1 -17.02 -15.39 10.06
CA PHE A 1 -15.58 -15.03 9.96
C PHE A 1 -14.72 -15.88 10.90
N HIS A 2 -13.51 -15.44 11.19
CA HIS A 2 -12.64 -16.20 12.08
C HIS A 2 -11.56 -15.36 12.78
N THR A 3 -11.80 -15.08 14.05
CA THR A 3 -10.89 -14.31 14.87
C THR A 3 -9.52 -14.96 14.89
N PHE A 4 -8.50 -14.27 14.37
CA PHE A 4 -7.15 -14.81 14.34
C PHE A 4 -6.29 -14.26 15.46
N PHE A 5 -6.41 -12.95 15.70
CA PHE A 5 -5.63 -12.28 16.73
C PHE A 5 -6.33 -12.21 18.08
N ASN A 6 -5.57 -11.83 19.11
CA ASN A 6 -6.15 -11.75 20.44
C ASN A 6 -6.65 -10.35 20.67
N GLU A 7 -7.96 -10.26 20.82
CA GLU A 7 -8.65 -9.01 21.03
C GLU A 7 -7.93 -8.03 21.94
N LYS A 8 -7.06 -8.52 22.81
CA LYS A 8 -6.39 -7.57 23.65
C LYS A 8 -4.97 -7.17 23.32
N THR A 9 -4.36 -7.87 22.37
CA THR A 9 -3.02 -7.49 21.98
C THR A 9 -3.19 -6.71 20.70
N PHE A 10 -4.07 -7.22 19.84
CA PHE A 10 -4.34 -6.63 18.54
C PHE A 10 -5.01 -5.28 18.62
N GLY A 11 -6.24 -5.29 19.12
CA GLY A 11 -7.04 -4.08 19.23
C GLY A 11 -8.40 -4.42 18.69
N LEU A 12 -9.32 -3.46 18.69
CA LEU A 12 -10.66 -3.72 18.18
C LEU A 12 -10.69 -3.73 16.66
N GLY A 13 -11.66 -4.44 16.10
CA GLY A 13 -11.80 -4.49 14.65
C GLY A 13 -11.80 -5.88 14.03
N GLU A 14 -10.84 -6.70 14.44
CA GLU A 14 -10.67 -8.05 13.93
C GLU A 14 -11.94 -8.68 13.38
N ALA A 15 -12.95 -8.78 14.23
CA ALA A 15 -14.22 -9.40 13.87
C ALA A 15 -15.11 -8.70 12.85
N ASP A 16 -14.70 -7.55 12.33
CA ASP A 16 -15.56 -6.87 11.37
C ASP A 16 -14.75 -6.15 10.30
N CYS A 17 -13.48 -6.52 10.20
CA CYS A 17 -12.58 -5.93 9.21
C CYS A 17 -13.08 -6.31 7.82
N GLY A 18 -12.63 -5.56 6.82
CA GLY A 18 -13.00 -5.84 5.45
C GLY A 18 -14.44 -5.55 5.05
N LEU A 19 -15.15 -4.79 5.88
CA LEU A 19 -16.52 -4.42 5.57
C LEU A 19 -16.64 -2.92 5.70
N ARG A 20 -16.69 -2.24 4.56
CA ARG A 20 -16.78 -0.78 4.54
C ARG A 20 -18.17 -0.26 4.90
N PRO A 21 -18.22 0.74 5.80
CA PRO A 21 -19.46 1.35 6.26
C PRO A 21 -20.31 1.95 5.16
N LEU A 22 -19.67 2.54 4.16
CA LEU A 22 -20.43 3.17 3.10
C LEU A 22 -20.76 2.30 1.90
N PHE A 23 -20.57 0.99 2.03
CA PHE A 23 -20.84 0.09 0.93
C PHE A 23 -21.40 -1.24 1.42
N GLU A 24 -20.51 -2.12 1.87
CA GLU A 24 -20.93 -3.43 2.38
C GLU A 24 -22.10 -3.31 3.37
N LYS A 25 -21.82 -2.70 4.51
CA LYS A 25 -22.85 -2.54 5.51
C LYS A 25 -24.14 -2.04 4.86
N LYS A 26 -24.01 -1.19 3.84
CA LYS A 26 -25.17 -0.61 3.15
C LYS A 26 -25.63 -1.37 1.93
N SER A 27 -24.96 -2.46 1.60
CA SER A 27 -25.34 -3.21 0.43
C SER A 27 -25.20 -2.38 -0.84
N LEU A 28 -24.15 -1.57 -0.90
CA LEU A 28 -23.88 -0.74 -2.06
C LEU A 28 -22.54 -1.13 -2.64
N LYS A 29 -22.49 -1.44 -3.93
CA LYS A 29 -21.23 -1.80 -4.57
C LYS A 29 -20.58 -0.50 -5.05
N ASP A 30 -19.26 -0.46 -5.09
CA ASP A 30 -18.58 0.75 -5.54
C ASP A 30 -18.36 0.67 -7.04
N THR A 31 -18.02 1.79 -7.64
CA THR A 31 -17.79 1.87 -9.08
C THR A 31 -17.10 0.72 -9.79
N THR A 32 -15.99 0.22 -9.24
CA THR A 32 -15.26 -0.83 -9.93
C THR A 32 -15.21 -2.27 -9.39
N GLU A 33 -15.91 -2.56 -8.30
CA GLU A 33 -15.91 -3.90 -7.73
C GLU A 33 -16.01 -5.00 -8.77
N LYS A 34 -17.09 -4.95 -9.55
CA LYS A 34 -17.32 -5.97 -10.56
C LYS A 34 -16.08 -6.32 -11.35
N GLU A 35 -15.21 -5.35 -11.63
CA GLU A 35 -14.01 -5.68 -12.38
C GLU A 35 -13.09 -6.64 -11.61
N LEU A 36 -13.23 -6.65 -10.29
CA LEU A 36 -12.44 -7.53 -9.45
C LEU A 36 -13.17 -8.83 -9.17
N LEU A 37 -14.41 -8.74 -8.72
CA LEU A 37 -15.16 -9.95 -8.42
C LEU A 37 -15.24 -10.90 -9.59
N ASP A 38 -15.37 -10.33 -10.78
CA ASP A 38 -15.46 -11.13 -11.98
C ASP A 38 -14.14 -11.76 -12.37
N SER A 39 -13.07 -11.38 -11.70
CA SER A 39 -11.76 -11.93 -12.02
C SER A 39 -11.44 -13.08 -11.10
N TYR A 40 -12.40 -13.43 -10.27
CA TYR A 40 -12.17 -14.52 -9.37
C TYR A 40 -12.87 -15.77 -9.89
N ILE A 41 -12.24 -16.37 -10.89
CA ILE A 41 -12.71 -17.57 -11.56
C ILE A 41 -12.57 -18.80 -10.67
N ASP A 42 -11.76 -18.66 -9.64
CA ASP A 42 -11.53 -19.72 -8.68
C ASP A 42 -12.86 -20.19 -8.10
N GLY A 43 -12.99 -21.50 -7.87
CA GLY A 43 -14.24 -22.02 -7.32
C GLY A 43 -14.42 -21.68 -5.84
N ILE B 1 -0.74 7.19 -7.88
CA ILE B 1 -1.05 6.03 -8.76
C ILE B 1 -1.29 6.45 -10.22
N VAL B 2 -0.55 5.82 -11.12
CA VAL B 2 -0.65 6.11 -12.55
C VAL B 2 -1.79 5.35 -13.20
N GLU B 3 -2.54 6.03 -14.05
CA GLU B 3 -3.66 5.42 -14.78
C GLU B 3 -4.85 5.08 -13.87
N GLY B 4 -4.82 5.53 -12.62
CA GLY B 4 -5.90 5.21 -11.71
C GLY B 4 -7.00 6.25 -11.79
N TRP B 5 -7.78 6.39 -10.72
CA TRP B 5 -8.85 7.37 -10.71
C TRP B 5 -9.27 7.83 -9.30
N ASP B 6 -10.13 8.86 -9.26
CA ASP B 6 -10.61 9.39 -7.99
C ASP B 6 -11.37 8.36 -7.18
N ALA B 7 -10.94 8.15 -5.95
CA ALA B 7 -11.59 7.18 -5.08
C ALA B 7 -12.83 7.77 -4.44
N GLU B 8 -13.93 7.03 -4.54
CA GLU B 8 -15.19 7.46 -3.94
C GLU B 8 -14.93 7.60 -2.44
N LYS B 9 -15.58 8.54 -1.79
CA LYS B 9 -15.33 8.67 -0.38
C LYS B 9 -15.62 7.35 0.31
N GLY B 10 -14.88 7.08 1.38
CA GLY B 10 -15.06 5.85 2.11
C GLY B 10 -14.93 4.59 1.28
N ILE B 11 -14.16 4.64 0.20
CA ILE B 11 -13.99 3.46 -0.62
C ILE B 11 -12.99 2.57 0.07
N ALA B 12 -11.98 3.16 0.69
CA ALA B 12 -10.94 2.40 1.39
C ALA B 12 -10.70 3.03 2.77
N PRO B 13 -11.58 2.73 3.74
CA PRO B 13 -11.47 3.27 5.09
C PRO B 13 -10.18 2.90 5.75
N TRP B 14 -9.46 1.94 5.17
CA TRP B 14 -8.23 1.48 5.77
C TRP B 14 -7.02 2.23 5.29
N GLN B 15 -7.13 2.82 4.12
CA GLN B 15 -6.05 3.59 3.54
C GLN B 15 -5.52 4.59 4.55
N VAL B 16 -4.21 4.69 4.69
CA VAL B 16 -3.65 5.61 5.66
C VAL B 16 -2.51 6.41 5.13
N MET B 17 -2.23 7.54 5.77
CA MET B 17 -1.16 8.39 5.31
C MET B 17 -0.05 8.48 6.33
N LEU B 18 1.17 8.17 5.92
CA LEU B 18 2.29 8.24 6.83
C LEU B 18 2.88 9.64 6.73
N PHE B 19 2.51 10.49 7.68
CA PHE B 19 2.92 11.89 7.68
C PHE B 19 4.12 12.26 8.52
N ARG B 20 5.10 12.92 7.90
CA ARG B 20 6.27 13.33 8.64
C ARG B 20 5.93 14.61 9.40
N LYS B 21 6.27 14.66 10.69
CA LYS B 21 5.96 15.81 11.51
C LYS B 21 6.62 17.10 11.09
N SER B 22 7.95 17.11 11.08
CA SER B 22 8.70 18.32 10.73
C SER B 22 9.94 18.04 9.90
N PRO B 23 9.98 18.56 8.67
CA PRO B 23 8.91 19.38 8.12
C PRO B 23 7.74 18.46 7.80
N GLN B 24 6.54 19.02 7.70
CA GLN B 24 5.36 18.22 7.37
C GLN B 24 5.64 17.71 5.98
N GLU B 25 5.42 16.42 5.78
CA GLU B 25 5.69 15.82 4.50
C GLU B 25 4.94 14.50 4.41
N LEU B 26 4.26 14.28 3.28
CA LEU B 26 3.54 13.05 3.06
C LEU B 26 4.54 12.07 2.54
N LEU B 27 4.88 11.10 3.38
CA LEU B 27 5.88 10.10 3.03
C LEU B 27 5.34 8.91 2.26
N CYS B 28 4.53 8.08 2.92
CA CYS B 28 4.00 6.90 2.27
C CYS B 28 2.57 6.65 2.64
N GLY B 29 2.10 5.49 2.22
CA GLY B 29 0.75 5.09 2.51
C GLY B 29 0.80 4.02 3.59
N ALA B 30 -0.34 3.68 4.16
CA ALA B 30 -0.37 2.67 5.19
C ALA B 30 -1.76 2.13 5.30
N SER B 31 -1.89 1.07 6.08
CA SER B 31 -3.19 0.45 6.26
C SER B 31 -3.52 0.39 7.73
N LEU B 32 -4.76 0.05 8.00
CA LEU B 32 -5.28 -0.08 9.35
C LEU B 32 -5.78 -1.52 9.48
N ILE B 33 -5.04 -2.36 10.21
CA ILE B 33 -5.47 -3.75 10.39
C ILE B 33 -6.27 -3.85 11.64
N SER B 34 -6.13 -2.83 12.49
CA SER B 34 -6.84 -2.78 13.76
C SER B 34 -6.93 -1.33 14.21
N ASP B 35 -7.51 -1.11 15.39
CA ASP B 35 -7.62 0.24 15.90
C ASP B 35 -6.34 0.59 16.64
N ARG B 36 -5.45 -0.37 16.82
CA ARG B 36 -4.21 -0.07 17.52
C ARG B 36 -3.01 -0.25 16.62
N TRP B 37 -3.19 -0.96 15.50
CA TRP B 37 -2.07 -1.22 14.59
C TRP B 37 -2.16 -0.78 13.13
N VAL B 38 -1.08 -0.18 12.64
CA VAL B 38 -1.01 0.26 11.26
C VAL B 38 0.15 -0.45 10.62
N LEU B 39 -0.10 -0.96 9.43
CA LEU B 39 0.87 -1.71 8.66
C LEU B 39 1.32 -0.86 7.50
N THR B 40 2.60 -0.92 7.18
CA THR B 40 3.14 -0.16 6.05
C THR B 40 4.46 -0.71 5.60
N ALA B 41 4.96 -0.18 4.50
CA ALA B 41 6.24 -0.65 3.96
C ALA B 41 7.41 -0.24 4.84
N ALA B 42 8.29 -1.21 5.10
CA ALA B 42 9.47 -0.96 5.92
C ALA B 42 10.42 0.11 5.36
N HIS B 43 10.70 0.07 4.06
CA HIS B 43 11.61 1.06 3.52
C HIS B 43 11.07 2.46 3.68
N CYS B 44 9.78 2.56 4.03
CA CYS B 44 9.19 3.88 4.26
C CYS B 44 9.74 4.41 5.57
N ILE B 45 10.16 3.50 6.42
CA ILE B 45 10.68 3.85 7.72
C ILE B 45 12.19 3.89 7.77
N LEU B 46 12.83 2.97 7.07
CA LEU B 46 14.28 2.82 7.09
C LEU B 46 14.93 2.59 5.72
N TYR B 47 15.77 3.51 5.29
CA TYR B 47 16.44 3.39 4.02
C TYR B 47 17.73 4.21 4.02
N PRO B 48 18.78 3.64 4.63
CA PRO B 48 20.10 4.26 4.76
C PRO B 48 20.54 4.96 3.49
N PRO B 49 20.48 4.27 2.35
CA PRO B 49 20.88 4.87 1.08
C PRO B 49 20.38 6.29 0.93
N TRP B 50 19.29 6.63 1.63
CA TRP B 50 18.75 7.98 1.56
C TRP B 50 18.71 8.62 2.92
N ASP B 51 19.66 8.29 3.78
CA ASP B 51 19.66 8.86 5.13
C ASP B 51 18.25 8.85 5.61
N LYS B 52 17.61 7.68 5.58
CA LYS B 52 16.24 7.60 6.01
C LYS B 52 16.12 6.67 7.20
N ASN B 53 16.02 7.25 8.38
CA ASN B 53 15.86 6.45 9.58
C ASN B 53 15.00 7.23 10.56
N PHE B 54 13.69 7.00 10.46
CA PHE B 54 12.70 7.66 11.31
C PHE B 54 12.48 6.87 12.59
N THR B 55 11.90 7.54 13.58
CA THR B 55 11.61 6.92 14.88
C THR B 55 10.24 7.38 15.31
N GLU B 56 9.66 6.68 16.27
CA GLU B 56 8.34 7.01 16.77
C GLU B 56 7.95 8.49 16.74
N ASN B 57 8.88 9.37 17.10
CA ASN B 57 8.54 10.80 17.12
C ASN B 57 8.63 11.56 15.81
N ASP B 58 9.56 11.17 14.95
CA ASP B 58 9.73 11.86 13.70
C ASP B 58 8.43 11.98 12.91
N LEU B 59 7.48 11.07 13.14
CA LEU B 59 6.24 11.14 12.37
C LEU B 59 5.00 10.56 13.02
N LEU B 60 3.87 10.68 12.33
CA LEU B 60 2.59 10.17 12.81
C LEU B 60 1.72 9.72 11.65
N VAL B 61 0.51 9.27 11.94
CA VAL B 61 -0.34 8.85 10.86
C VAL B 61 -1.65 9.59 10.89
N ARG B 62 -2.20 9.80 9.70
CA ARG B 62 -3.47 10.46 9.50
C ARG B 62 -4.41 9.38 8.97
N ILE B 63 -5.56 9.17 9.63
CA ILE B 63 -6.49 8.14 9.17
C ILE B 63 -7.84 8.66 8.71
N GLY B 64 -8.39 8.00 7.69
CA GLY B 64 -9.68 8.39 7.15
C GLY B 64 -9.66 9.65 6.31
N LYS B 65 -8.59 9.87 5.55
CA LYS B 65 -8.53 11.06 4.71
C LYS B 65 -9.01 10.79 3.31
N HIS B 66 -9.16 11.84 2.52
CA HIS B 66 -9.62 11.71 1.14
C HIS B 66 -8.81 12.67 0.31
N SER B 67 -8.65 13.89 0.83
CA SER B 67 -7.88 14.93 0.15
C SER B 67 -6.41 14.73 0.42
N ARG B 68 -5.58 14.94 -0.58
CA ARG B 68 -4.16 14.76 -0.38
C ARG B 68 -3.59 15.88 0.45
N THR B 69 -4.37 16.92 0.71
CA THR B 69 -3.79 18.01 1.48
C THR B 69 -4.59 18.71 2.57
N ARG B 70 -5.76 19.27 2.25
CA ARG B 70 -6.53 19.95 3.28
C ARG B 70 -6.73 19.07 4.50
N TYR B 71 -7.04 19.70 5.64
CA TYR B 71 -7.28 18.99 6.87
C TYR B 71 -8.78 18.75 7.05
N GLU B 72 -9.23 17.62 6.55
CA GLU B 72 -10.63 17.25 6.57
C GLU B 72 -11.16 16.94 7.95
N ARG B 73 -11.20 17.95 8.83
CA ARG B 73 -11.68 17.74 10.20
C ARG B 73 -13.06 17.07 10.29
N ASN B 74 -13.32 16.47 11.45
CA ASN B 74 -14.56 15.77 11.70
C ASN B 74 -14.64 14.51 10.83
N VAL B 75 -13.51 14.18 10.20
CA VAL B 75 -13.45 13.00 9.38
C VAL B 75 -12.18 12.23 9.63
N GLU B 76 -11.03 12.85 9.32
CA GLU B 76 -9.74 12.20 9.51
C GLU B 76 -9.28 12.33 10.96
N LYS B 77 -8.59 11.33 11.44
CA LYS B 77 -8.11 11.33 12.81
C LYS B 77 -6.61 11.14 12.84
N ILE B 78 -5.90 12.03 13.54
CA ILE B 78 -4.46 11.90 13.62
C ILE B 78 -4.11 11.05 14.82
N SER B 79 -2.97 10.38 14.74
CA SER B 79 -2.53 9.53 15.83
C SER B 79 -1.04 9.46 15.92
N MET B 80 -0.53 9.65 17.13
CA MET B 80 0.89 9.59 17.39
C MET B 80 1.35 8.14 17.46
N LEU B 81 2.55 7.88 16.94
CA LEU B 81 3.09 6.53 16.94
C LEU B 81 3.75 6.25 18.26
N GLU B 82 3.52 5.06 18.79
CA GLU B 82 4.12 4.67 20.05
C GLU B 82 5.40 3.91 19.81
N LYS B 83 5.35 2.93 18.92
CA LYS B 83 6.54 2.14 18.60
C LYS B 83 6.49 1.62 17.18
N ILE B 84 7.64 1.68 16.52
CA ILE B 84 7.75 1.22 15.15
C ILE B 84 8.42 -0.14 15.16
N TYR B 85 7.84 -1.11 14.45
CA TYR B 85 8.47 -2.41 14.42
C TYR B 85 8.75 -2.82 13.01
N VAL B 86 9.95 -2.54 12.55
CA VAL B 86 10.34 -2.92 11.21
C VAL B 86 11.00 -4.30 11.23
N HIS B 87 10.51 -5.19 10.39
CA HIS B 87 11.03 -6.53 10.26
C HIS B 87 12.54 -6.57 10.30
N PRO B 88 13.14 -7.41 11.15
CA PRO B 88 14.59 -7.55 11.30
C PRO B 88 15.29 -7.95 9.99
N ARG B 89 14.93 -9.11 9.45
CA ARG B 89 15.53 -9.59 8.20
C ARG B 89 15.10 -8.76 6.99
N TYR B 90 14.75 -7.49 7.21
CA TYR B 90 14.39 -6.61 6.12
C TYR B 90 15.71 -6.39 5.42
N ASN B 91 15.71 -6.38 4.11
CA ASN B 91 16.97 -6.19 3.38
C ASN B 91 17.00 -4.97 2.45
N TRP B 92 17.36 -3.83 3.03
CA TRP B 92 17.44 -2.57 2.32
C TRP B 92 18.65 -2.42 1.41
N ARG B 93 19.65 -3.27 1.60
CA ARG B 93 20.87 -3.18 0.79
C ARG B 93 20.75 -3.78 -0.61
N GLU B 94 20.21 -4.99 -0.71
CA GLU B 94 20.13 -5.67 -2.02
C GLU B 94 18.87 -5.60 -2.91
N ASN B 95 17.83 -6.35 -2.54
CA ASN B 95 16.61 -6.39 -3.32
C ASN B 95 15.39 -5.88 -2.58
N LEU B 96 15.60 -5.34 -1.39
CA LEU B 96 14.50 -4.79 -0.63
C LEU B 96 13.55 -5.89 -0.22
N ASP B 97 14.11 -7.04 0.13
CA ASP B 97 13.29 -8.16 0.54
C ASP B 97 12.59 -7.89 1.87
N ARG B 98 11.45 -8.53 2.11
CA ARG B 98 10.72 -8.37 3.35
C ARG B 98 10.51 -6.89 3.68
N ASP B 99 9.94 -6.15 2.74
CA ASP B 99 9.70 -4.73 2.98
C ASP B 99 8.45 -4.62 3.83
N ILE B 100 8.61 -4.51 5.14
CA ILE B 100 7.43 -4.43 5.97
C ILE B 100 7.70 -3.88 7.35
N ALA B 101 6.67 -3.32 7.96
CA ALA B 101 6.77 -2.74 9.29
C ALA B 101 5.42 -2.57 9.95
N LEU B 102 5.41 -2.56 11.28
CA LEU B 102 4.18 -2.38 12.05
C LEU B 102 4.17 -1.08 12.82
N LEU B 103 3.03 -0.41 12.83
CA LEU B 103 2.94 0.83 13.57
C LEU B 103 1.91 0.77 14.69
N LYS B 104 2.38 1.00 15.91
CA LYS B 104 1.56 0.97 17.13
C LYS B 104 1.15 2.37 17.50
N LEU B 105 -0.11 2.70 17.22
CA LEU B 105 -0.68 4.01 17.49
C LEU B 105 -0.79 4.26 19.00
N LYS B 106 -0.31 5.41 19.46
CA LYS B 106 -0.35 5.74 20.88
C LYS B 106 -1.71 5.44 21.46
N LYS B 107 -2.73 6.10 20.93
CA LYS B 107 -4.07 5.85 21.44
C LYS B 107 -4.95 5.31 20.33
N PRO B 108 -5.69 4.23 20.62
CA PRO B 108 -6.57 3.61 19.63
C PRO B 108 -7.35 4.64 18.86
N VAL B 109 -7.60 4.35 17.59
CA VAL B 109 -8.36 5.26 16.75
C VAL B 109 -9.82 4.84 16.64
N PRO B 110 -10.72 5.83 16.67
CA PRO B 110 -12.16 5.60 16.59
C PRO B 110 -12.58 5.34 15.16
N PHE B 111 -13.37 4.30 14.98
CA PHE B 111 -13.87 3.92 13.68
C PHE B 111 -14.99 4.83 13.22
N SER B 112 -15.37 4.72 11.95
CA SER B 112 -16.41 5.58 11.43
C SER B 112 -16.70 5.18 10.01
N ASP B 113 -17.41 6.03 9.30
CA ASP B 113 -17.73 5.72 7.92
C ASP B 113 -16.51 5.83 7.05
N TYR B 114 -15.50 6.58 7.49
CA TYR B 114 -14.31 6.75 6.67
C TYR B 114 -13.04 6.08 7.20
N ILE B 115 -13.16 5.37 8.30
CA ILE B 115 -12.03 4.70 8.88
C ILE B 115 -12.52 3.39 9.41
N HIS B 116 -12.06 2.32 8.79
CA HIS B 116 -12.47 0.99 9.21
C HIS B 116 -11.31 0.13 8.79
N PRO B 117 -10.85 -0.76 9.67
CA PRO B 117 -9.71 -1.63 9.36
C PRO B 117 -9.92 -2.61 8.21
N VAL B 118 -8.81 -3.09 7.64
CA VAL B 118 -8.84 -4.07 6.56
C VAL B 118 -8.43 -5.42 7.15
N CYS B 119 -8.84 -6.50 6.49
CA CYS B 119 -8.55 -7.87 6.93
C CYS B 119 -7.23 -8.49 6.44
N LEU B 120 -6.52 -9.17 7.34
CA LEU B 120 -5.28 -9.87 6.99
C LEU B 120 -5.68 -11.24 6.45
N PRO B 121 -5.19 -11.61 5.26
CA PRO B 121 -5.53 -12.90 4.66
C PRO B 121 -5.20 -14.12 5.48
N ASP B 122 -5.68 -15.26 5.01
CA ASP B 122 -5.46 -16.55 5.63
C ASP B 122 -5.08 -17.56 4.54
N LYS B 123 -4.33 -18.59 4.92
CA LYS B 123 -3.88 -19.60 3.97
C LYS B 123 -4.99 -19.91 2.97
N GLN B 124 -6.21 -20.04 3.45
CA GLN B 124 -7.33 -20.36 2.59
C GLN B 124 -7.65 -19.27 1.56
N THR B 125 -7.74 -18.02 1.99
CA THR B 125 -8.03 -16.92 1.08
C THR B 125 -6.92 -16.66 0.07
N VAL B 126 -5.68 -16.73 0.55
CA VAL B 126 -4.55 -16.48 -0.33
C VAL B 126 -4.54 -17.43 -1.50
N THR B 127 -4.51 -18.73 -1.21
CA THR B 127 -4.46 -19.75 -2.24
C THR B 127 -5.51 -19.63 -3.34
N SER B 128 -6.67 -19.08 -3.02
CA SER B 128 -7.72 -18.96 -4.01
C SER B 128 -7.84 -17.62 -4.73
N LEU B 129 -7.29 -16.54 -4.16
CA LEU B 129 -7.39 -15.23 -4.82
C LEU B 129 -6.11 -14.69 -5.39
N LEU B 130 -5.00 -15.03 -4.76
CA LEU B 130 -3.69 -14.55 -5.18
C LEU B 130 -3.10 -15.40 -6.28
N ARG B 131 -3.68 -15.32 -7.47
CA ARG B 131 -3.20 -16.10 -8.60
C ARG B 131 -3.24 -15.27 -9.87
N ALA B 132 -2.27 -15.56 -10.75
CA ALA B 132 -2.11 -14.85 -12.01
C ALA B 132 -3.39 -14.61 -12.76
N GLY B 133 -3.68 -13.34 -13.00
CA GLY B 133 -4.89 -12.99 -13.72
C GLY B 133 -5.89 -12.30 -12.81
N TYR B 134 -6.10 -12.88 -11.62
CA TYR B 134 -7.01 -12.31 -10.64
C TYR B 134 -6.60 -10.87 -10.37
N LYS B 135 -7.54 -9.95 -10.46
CA LYS B 135 -7.23 -8.55 -10.24
C LYS B 135 -7.32 -8.17 -8.78
N GLY B 136 -6.53 -7.17 -8.40
CA GLY B 136 -6.53 -6.69 -7.03
C GLY B 136 -6.62 -5.19 -7.13
N ARG B 137 -6.66 -4.49 -6.00
CA ARG B 137 -6.76 -3.03 -5.99
C ARG B 137 -5.67 -2.39 -5.11
N VAL B 138 -5.28 -1.15 -5.45
CA VAL B 138 -4.25 -0.40 -4.74
C VAL B 138 -4.69 1.05 -4.62
N THR B 139 -4.28 1.74 -3.58
CA THR B 139 -4.71 3.13 -3.45
C THR B 139 -3.67 4.01 -2.81
N GLY B 140 -3.61 5.25 -3.24
CA GLY B 140 -2.62 6.16 -2.67
C GLY B 140 -2.58 7.55 -3.27
N TRP B 141 -1.81 8.41 -2.64
CA TRP B 141 -1.67 9.79 -3.08
C TRP B 141 -0.37 9.97 -3.83
N GLY B 142 0.17 8.87 -4.34
CA GLY B 142 1.44 8.89 -5.05
C GLY B 142 1.40 9.58 -6.40
N ASN B 143 2.55 9.69 -7.06
CA ASN B 143 2.63 10.33 -8.35
C ASN B 143 1.69 9.73 -9.40
N LEU B 144 1.09 10.59 -10.21
CA LEU B 144 0.17 10.17 -11.26
C LEU B 144 0.92 9.61 -12.46
N ARG B 145 2.22 9.89 -12.53
CA ARG B 145 3.07 9.38 -13.60
C ARG B 145 4.52 9.37 -13.17
N GLU B 146 5.29 8.45 -13.75
CA GLU B 146 6.69 8.34 -13.43
C GLU B 146 7.44 9.63 -13.63
N THR B 147 7.24 10.25 -14.80
CA THR B 147 7.94 11.48 -15.15
C THR B 147 7.38 12.82 -14.67
N TRP B 148 8.19 13.84 -14.90
CA TRP B 148 7.95 15.22 -14.50
C TRP B 148 8.11 16.11 -15.73
N THR B 149 7.08 16.90 -16.12
CA THR B 149 7.28 17.80 -17.25
C THR B 149 7.93 19.00 -16.57
N THR B 150 8.83 18.63 -15.66
CA THR B 150 9.67 19.47 -14.81
C THR B 150 9.32 20.92 -14.46
N ASN B 151 8.99 21.77 -15.44
CA ASN B 151 8.65 23.14 -15.12
C ASN B 151 7.34 23.10 -14.35
N ILE B 152 6.85 21.86 -14.16
CA ILE B 152 5.61 21.58 -13.46
C ILE B 152 5.74 20.33 -12.58
N ASN B 153 5.80 20.49 -11.26
CA ASN B 153 5.89 19.32 -10.38
C ASN B 153 4.49 18.87 -9.98
N GLU B 154 3.51 19.27 -10.78
CA GLU B 154 2.14 18.91 -10.50
C GLU B 154 1.67 17.65 -11.23
N ILE B 155 1.96 16.53 -10.59
CA ILE B 155 1.58 15.21 -11.07
C ILE B 155 1.04 14.50 -9.84
N GLN B 156 0.99 15.23 -8.73
CA GLN B 156 0.46 14.66 -7.52
C GLN B 156 -1.02 14.98 -7.47
N PRO B 157 -1.84 13.93 -7.34
CA PRO B 157 -3.30 14.02 -7.29
C PRO B 157 -3.78 14.95 -6.18
N SER B 158 -5.05 15.31 -6.24
CA SER B 158 -5.64 16.19 -5.23
C SER B 158 -6.40 15.30 -4.28
N VAL B 159 -6.73 14.11 -4.75
CA VAL B 159 -7.46 13.18 -3.94
C VAL B 159 -6.99 11.75 -4.12
N LEU B 160 -7.15 10.97 -3.07
CA LEU B 160 -6.77 9.58 -3.06
C LEU B 160 -7.12 8.91 -4.39
N GLN B 161 -6.11 8.31 -5.00
CA GLN B 161 -6.31 7.64 -6.26
C GLN B 161 -6.62 6.18 -5.97
N VAL B 162 -7.01 5.45 -7.03
CA VAL B 162 -7.30 4.03 -6.92
C VAL B 162 -7.17 3.39 -8.28
N VAL B 163 -6.47 2.28 -8.34
CA VAL B 163 -6.30 1.58 -9.60
C VAL B 163 -6.48 0.10 -9.38
N ASN B 164 -7.12 -0.57 -10.34
CA ASN B 164 -7.32 -2.01 -10.23
C ASN B 164 -6.26 -2.68 -11.10
N LEU B 165 -5.37 -3.48 -10.50
CA LEU B 165 -4.34 -4.16 -11.27
C LEU B 165 -4.43 -5.67 -11.11
N PRO B 166 -4.05 -6.42 -12.16
CA PRO B 166 -4.09 -7.89 -12.16
C PRO B 166 -2.73 -8.42 -11.75
N ILE B 167 -2.72 -9.60 -11.14
CA ILE B 167 -1.48 -10.22 -10.68
C ILE B 167 -0.82 -10.96 -11.82
N VAL B 168 0.51 -10.90 -11.89
CA VAL B 168 1.28 -11.55 -12.94
C VAL B 168 2.01 -12.82 -12.48
N GLU B 169 2.08 -13.82 -13.35
CA GLU B 169 2.73 -15.09 -13.04
C GLU B 169 4.13 -14.85 -12.52
N ARG B 170 4.55 -15.66 -11.54
CA ARG B 170 5.88 -15.55 -10.91
C ARG B 170 7.03 -15.52 -11.92
N PRO B 171 7.06 -16.49 -12.83
CA PRO B 171 8.13 -16.50 -13.81
C PRO B 171 8.26 -15.14 -14.50
N VAL B 172 7.15 -14.67 -15.08
CA VAL B 172 7.21 -13.38 -15.74
C VAL B 172 7.80 -12.36 -14.76
N CYS B 173 7.20 -12.26 -13.57
CA CYS B 173 7.70 -11.31 -12.58
C CYS B 173 9.20 -11.45 -12.46
N LYS B 174 9.70 -12.68 -12.44
CA LYS B 174 11.13 -12.87 -12.33
C LYS B 174 11.86 -12.33 -13.56
N ALA B 175 11.43 -12.74 -14.75
CA ALA B 175 12.06 -12.28 -15.99
C ALA B 175 12.08 -10.77 -16.12
N SER B 176 10.97 -10.14 -15.82
CA SER B 176 10.82 -8.69 -15.93
C SER B 176 11.98 -7.83 -15.47
N THR B 177 12.78 -8.32 -14.54
CA THR B 177 13.92 -7.54 -14.07
C THR B 177 15.16 -8.36 -13.72
N ARG B 178 16.26 -7.65 -13.62
CA ARG B 178 17.51 -8.29 -13.29
C ARG B 178 17.58 -8.45 -11.76
N ILE B 179 16.88 -7.56 -11.04
CA ILE B 179 16.83 -7.59 -9.57
C ILE B 179 16.40 -8.97 -9.14
N ARG B 180 16.84 -9.40 -7.96
CA ARG B 180 16.47 -10.73 -7.49
C ARG B 180 15.24 -10.69 -6.58
N ILE B 181 14.09 -11.09 -7.13
CA ILE B 181 12.84 -11.10 -6.36
C ILE B 181 12.74 -12.36 -5.56
N THR B 182 11.91 -12.35 -4.53
CA THR B 182 11.77 -13.51 -3.67
C THR B 182 10.33 -13.90 -3.41
N ASP B 183 10.18 -14.96 -2.62
CA ASP B 183 8.88 -15.47 -2.26
C ASP B 183 8.28 -14.59 -1.17
N ASN B 184 8.82 -13.40 -1.00
CA ASN B 184 8.29 -12.49 -0.01
C ASN B 184 7.75 -11.27 -0.72
N MET B 185 7.64 -11.39 -2.04
CA MET B 185 7.09 -10.33 -2.85
C MET B 185 6.41 -10.89 -4.10
N PHE B 186 5.37 -10.23 -4.57
CA PHE B 186 4.67 -10.65 -5.77
C PHE B 186 4.45 -9.40 -6.59
N CYS B 187 4.31 -9.57 -7.90
CA CYS B 187 4.16 -8.43 -8.79
C CYS B 187 2.86 -8.43 -9.55
N ALA B 188 2.39 -7.24 -9.92
CA ALA B 188 1.16 -7.10 -10.69
C ALA B 188 1.26 -5.88 -11.59
N GLY B 189 0.61 -5.97 -12.75
CA GLY B 189 0.61 -4.88 -13.71
C GLY B 189 0.05 -5.47 -14.99
N PHE B 190 0.40 -4.90 -16.14
CA PHE B 190 -0.12 -5.47 -17.36
C PHE B 190 0.94 -5.84 -18.37
N LYS B 191 0.74 -7.00 -19.00
CA LYS B 191 1.68 -7.41 -20.03
C LYS B 191 1.02 -7.00 -21.32
N VAL B 192 -0.31 -7.32 -21.42
CA VAL B 192 -1.25 -6.98 -22.52
C VAL B 192 -0.49 -5.92 -23.32
N ASN B 193 0.21 -5.06 -22.58
CA ASN B 193 1.01 -3.98 -23.13
C ASN B 193 0.27 -3.04 -24.00
N ASP B 194 -0.98 -2.82 -23.62
CA ASP B 194 -1.97 -1.81 -24.15
C ASP B 194 -3.34 -1.87 -23.38
N THR B 195 -4.21 -2.86 -23.70
CA THR B 195 -5.53 -3.00 -23.07
C THR B 195 -5.85 -1.87 -22.12
N LYS B 196 -5.38 -2.02 -20.89
CA LYS B 196 -5.55 -1.02 -19.86
C LYS B 196 -4.13 -0.78 -19.35
N ARG B 197 -3.93 0.28 -18.60
CA ARG B 197 -2.60 0.57 -18.08
C ARG B 197 -2.76 0.93 -16.63
N GLY B 198 -1.65 1.09 -15.92
CA GLY B 198 -1.77 1.44 -14.53
C GLY B 198 -0.76 0.75 -13.63
N ASP B 199 -0.38 1.45 -12.57
CA ASP B 199 0.57 0.92 -11.63
C ASP B 199 0.73 1.92 -10.52
N ALA B 200 1.41 1.52 -9.46
CA ALA B 200 1.64 2.41 -8.34
C ALA B 200 2.99 3.03 -8.58
N CYS B 201 3.14 4.28 -8.17
CA CYS B 201 4.39 4.96 -8.37
C CYS B 201 4.95 5.49 -7.05
N GLU B 202 5.94 6.36 -7.14
CA GLU B 202 6.55 6.95 -5.95
C GLU B 202 5.52 7.62 -5.06
N GLY B 203 5.39 7.13 -3.83
CA GLY B 203 4.45 7.74 -2.93
C GLY B 203 3.28 6.83 -2.69
N ASP B 204 3.36 5.60 -3.17
CA ASP B 204 2.28 4.68 -2.93
C ASP B 204 2.69 3.63 -1.90
N ALA B 205 3.98 3.60 -1.61
CA ALA B 205 4.53 2.66 -0.63
C ALA B 205 3.65 2.54 0.59
N GLY B 206 3.63 1.34 1.16
CA GLY B 206 2.81 1.11 2.33
C GLY B 206 1.37 1.00 1.91
N GLY B 207 1.07 1.44 0.70
CA GLY B 207 -0.28 1.36 0.21
C GLY B 207 -0.66 -0.09 0.19
N PRO B 208 -1.95 -0.41 0.44
CA PRO B 208 -2.32 -1.82 0.43
C PRO B 208 -2.77 -2.31 -0.93
N PHE B 209 -2.54 -3.59 -1.18
CA PHE B 209 -2.98 -4.24 -2.42
C PHE B 209 -4.08 -5.13 -1.90
N VAL B 210 -5.33 -4.72 -2.11
CA VAL B 210 -6.47 -5.44 -1.59
C VAL B 210 -7.30 -6.22 -2.59
N MET B 211 -8.03 -7.20 -2.05
CA MET B 211 -8.91 -8.06 -2.84
C MET B 211 -10.17 -8.38 -2.02
N LYS B 212 -11.32 -8.40 -2.69
CA LYS B 212 -12.57 -8.67 -1.99
C LYS B 212 -13.00 -10.11 -2.20
N SER B 213 -12.89 -10.91 -1.14
CA SER B 213 -13.30 -12.31 -1.23
C SER B 213 -14.75 -12.49 -1.63
N PRO B 214 -15.00 -13.14 -2.76
CA PRO B 214 -16.35 -13.37 -3.27
C PRO B 214 -17.09 -14.33 -2.35
N PHE B 215 -16.36 -14.88 -1.38
CA PHE B 215 -16.90 -15.84 -0.43
C PHE B 215 -17.56 -15.25 0.81
N ASN B 216 -16.86 -14.36 1.52
CA ASN B 216 -17.46 -13.81 2.71
C ASN B 216 -17.67 -12.32 2.59
N ASN B 217 -17.50 -11.83 1.35
CA ASN B 217 -17.71 -10.43 1.02
C ASN B 217 -16.82 -9.39 1.70
N ARG B 218 -15.75 -9.83 2.34
CA ARG B 218 -14.80 -8.93 3.04
C ARG B 218 -13.53 -8.61 2.24
N TRP B 219 -12.96 -7.44 2.49
CA TRP B 219 -11.74 -7.02 1.79
C TRP B 219 -10.46 -7.46 2.50
N TYR B 220 -9.55 -8.07 1.74
CA TYR B 220 -8.29 -8.52 2.30
C TYR B 220 -7.10 -7.82 1.65
N GLN B 221 -6.07 -7.57 2.45
CA GLN B 221 -4.87 -6.92 1.97
C GLN B 221 -3.81 -7.94 1.64
N MET B 222 -3.70 -8.29 0.38
CA MET B 222 -2.72 -9.29 -0.01
C MET B 222 -1.31 -8.72 -0.05
N GLY B 223 -1.15 -7.48 -0.48
CA GLY B 223 0.20 -6.94 -0.51
C GLY B 223 0.44 -5.52 0.01
N ILE B 224 1.71 -5.12 -0.01
CA ILE B 224 2.07 -3.77 0.40
C ILE B 224 2.96 -3.19 -0.66
N VAL B 225 2.56 -2.02 -1.16
CA VAL B 225 3.28 -1.32 -2.20
C VAL B 225 4.73 -1.14 -1.79
N SER B 226 5.62 -1.94 -2.41
CA SER B 226 7.04 -1.88 -2.07
C SER B 226 7.93 -1.20 -3.08
N TRP B 227 8.23 -1.88 -4.18
CA TRP B 227 9.11 -1.28 -5.15
C TRP B 227 8.80 -1.59 -6.59
N GLY B 228 9.59 -0.97 -7.45
CA GLY B 228 9.45 -1.17 -8.88
C GLY B 228 10.41 -0.27 -9.61
N GLU B 229 10.64 -0.56 -10.88
CA GLU B 229 11.55 0.26 -11.67
C GLU B 229 10.66 1.11 -12.57
N GLY B 230 10.81 2.42 -12.49
CA GLY B 230 9.97 3.28 -13.31
C GLY B 230 8.54 3.22 -12.81
N CYS B 231 7.60 3.53 -13.69
CA CYS B 231 6.19 3.49 -13.34
C CYS B 231 5.33 3.33 -14.58
N ASP B 232 4.61 2.21 -14.64
CA ASP B 232 3.73 1.92 -15.75
C ASP B 232 4.59 1.63 -16.96
N ARG B 233 5.83 1.21 -16.73
CA ARG B 233 6.75 0.89 -17.81
C ARG B 233 6.36 -0.41 -18.50
N LYS B 234 6.14 -0.36 -19.80
CA LYS B 234 5.77 -1.54 -20.58
C LYS B 234 6.81 -2.64 -20.34
N GLY B 235 6.35 -3.87 -20.16
CA GLY B 235 7.26 -4.98 -19.92
C GLY B 235 7.78 -4.95 -18.50
N LYS B 236 7.27 -4.01 -17.70
CA LYS B 236 7.68 -3.85 -16.31
C LYS B 236 6.49 -3.89 -15.34
N TYR B 237 6.63 -4.71 -14.31
CA TYR B 237 5.58 -4.88 -13.32
C TYR B 237 5.98 -4.36 -11.96
N GLY B 238 4.98 -4.03 -11.14
CA GLY B 238 5.26 -3.53 -9.80
C GLY B 238 5.55 -4.68 -8.86
N PHE B 239 6.07 -4.38 -7.68
CA PHE B 239 6.38 -5.39 -6.67
C PHE B 239 5.84 -5.06 -5.29
N TYR B 240 5.01 -5.93 -4.74
CA TYR B 240 4.46 -5.67 -3.43
C TYR B 240 4.90 -6.74 -2.45
N THR B 241 4.94 -6.38 -1.18
CA THR B 241 5.34 -7.30 -0.14
C THR B 241 4.27 -8.34 0.02
N HIS B 242 4.65 -9.61 -0.02
CA HIS B 242 3.68 -10.67 0.14
C HIS B 242 3.21 -10.61 1.58
N VAL B 243 1.99 -10.13 1.83
CA VAL B 243 1.55 -10.05 3.21
C VAL B 243 1.39 -11.38 3.90
N PHE B 244 0.73 -12.32 3.25
CA PHE B 244 0.51 -13.61 3.88
C PHE B 244 1.76 -14.29 4.37
N ARG B 245 2.87 -14.15 3.63
CA ARG B 245 4.12 -14.80 4.03
C ARG B 245 4.68 -14.24 5.34
N LEU B 246 4.55 -12.93 5.55
CA LEU B 246 5.06 -12.34 6.78
C LEU B 246 4.02 -12.37 7.90
N LYS B 247 2.89 -13.01 7.65
CA LYS B 247 1.84 -13.12 8.65
C LYS B 247 2.51 -13.50 9.94
N ARG B 248 3.28 -14.60 9.88
CA ARG B 248 4.01 -15.12 11.02
C ARG B 248 4.61 -13.97 11.82
N TRP B 249 5.48 -13.21 11.19
CA TRP B 249 6.12 -12.07 11.83
C TRP B 249 5.10 -11.14 12.44
N ILE B 250 4.16 -10.71 11.64
CA ILE B 250 3.13 -9.81 12.13
C ILE B 250 2.59 -10.36 13.45
N GLN B 251 2.27 -11.66 13.43
CA GLN B 251 1.73 -12.37 14.59
C GLN B 251 2.64 -12.18 15.78
N LYS B 252 3.90 -12.58 15.59
CA LYS B 252 4.91 -12.48 16.62
C LYS B 252 4.85 -11.12 17.26
N VAL B 253 5.16 -10.08 16.48
CA VAL B 253 5.15 -8.74 17.00
C VAL B 253 3.89 -8.42 17.79
N ILE B 254 2.73 -8.32 17.13
CA ILE B 254 1.51 -7.99 17.87
C ILE B 254 1.36 -8.79 19.17
N ASP B 255 1.46 -10.11 19.10
CA ASP B 255 1.30 -10.91 20.30
C ASP B 255 2.29 -10.57 21.41
N GLN B 256 3.46 -10.06 21.05
CA GLN B 256 4.42 -9.70 22.07
C GLN B 256 4.65 -8.20 22.09
N PHE B 257 3.75 -7.46 21.45
CA PHE B 257 3.87 -6.01 21.40
C PHE B 257 5.30 -5.59 21.12
N GLY B 258 6.01 -6.41 20.35
CA GLY B 258 7.39 -6.10 20.01
C GLY B 258 8.25 -6.27 21.24
N LYS C 1 25.00 -1.02 -16.02
CA LYS C 1 25.59 0.36 -16.02
C LYS C 1 26.66 0.47 -14.94
N SER C 2 26.25 0.14 -13.73
CA SER C 2 27.05 0.19 -12.51
C SER C 2 25.87 0.10 -11.54
N SER C 3 25.10 -0.98 -11.59
CA SER C 3 23.93 -0.93 -10.73
C SER C 3 22.87 -2.01 -10.47
N ASP C 4 21.67 -1.42 -10.56
CA ASP C 4 20.31 -1.87 -10.35
C ASP C 4 19.94 -2.58 -9.06
N LYS C 5 19.34 -1.73 -8.23
CA LYS C 5 18.77 -2.01 -6.94
C LYS C 5 17.38 -1.46 -7.26
N PRO C 6 16.34 -1.96 -6.59
CA PRO C 6 14.99 -1.47 -6.88
C PRO C 6 14.76 -0.01 -6.53
N ASN C 7 13.75 0.57 -7.16
CA ASN C 7 13.37 1.96 -6.92
C ASN C 7 12.29 1.91 -5.84
N PRO C 8 12.62 2.28 -4.61
CA PRO C 8 11.61 2.25 -3.55
C PRO C 8 10.53 3.28 -3.89
N ARG C 9 9.31 3.01 -3.45
CA ARG C 9 8.20 3.90 -3.81
C ARG C 9 7.84 5.14 -3.02
N GLY C 10 8.07 5.20 -1.71
CA GLY C 10 7.72 6.44 -1.00
C GLY C 10 8.25 7.55 -1.91
N TYR C 11 7.41 8.41 -2.49
CA TYR C 11 7.95 9.37 -3.44
C TYR C 11 9.22 10.14 -3.10
N PRO C 12 9.98 10.53 -4.15
CA PRO C 12 11.24 11.27 -4.18
C PRO C 12 11.40 12.49 -3.28
N GLY C 13 10.54 12.61 -2.26
CA GLY C 13 10.62 13.73 -1.32
C GLY C 13 12.09 13.91 -0.99
N LYS C 14 12.79 12.78 -0.93
CA LYS C 14 14.22 12.77 -0.68
C LYS C 14 14.81 12.93 -2.07
N PHE C 15 14.92 14.19 -2.46
CA PHE C 15 15.45 14.64 -3.75
C PHE C 15 14.38 15.10 -4.73
N CYS C 16 13.41 15.85 -4.24
CA CYS C 16 12.36 16.40 -5.11
C CYS C 16 13.03 17.56 -5.85
N ALA C 17 14.36 17.54 -5.80
CA ALA C 17 15.20 18.51 -6.47
C ALA C 17 15.84 17.65 -7.54
N ASN C 18 15.07 17.32 -8.57
CA ASN C 18 15.59 16.45 -9.61
C ASN C 18 15.82 16.92 -11.03
N ASP C 19 16.03 15.93 -11.90
CA ASP C 19 16.37 16.14 -13.29
C ASP C 19 15.37 16.29 -14.43
N SER C 20 15.94 16.89 -15.49
CA SER C 20 15.31 17.19 -16.76
C SER C 20 16.45 17.79 -17.59
N ASP C 21 16.12 18.68 -18.51
CA ASP C 21 17.11 19.31 -19.36
C ASP C 21 17.17 20.80 -19.05
N THR C 22 18.29 21.45 -19.36
CA THR C 22 18.41 22.88 -19.14
C THR C 22 17.47 23.60 -20.13
N LEU C 23 16.19 23.22 -20.02
CA LEU C 23 15.06 23.72 -20.80
C LEU C 23 15.19 23.89 -22.32
N GLU C 24 14.39 23.12 -23.04
CA GLU C 24 14.30 23.15 -24.51
C GLU C 24 13.73 21.89 -25.15
N LEU C 25 12.39 21.79 -25.14
CA LEU C 25 11.67 20.64 -25.71
C LEU C 25 10.17 20.97 -25.78
N PRO C 26 9.45 20.27 -26.69
CA PRO C 26 8.00 20.43 -26.87
C PRO C 26 7.29 19.23 -26.25
#